data_1BKX
#
_entry.id   1BKX
#
_cell.length_a   55.850
_cell.length_b   73.230
_cell.length_c   98.720
_cell.angle_alpha   90.00
_cell.angle_beta   90.00
_cell.angle_gamma   90.00
#
_symmetry.space_group_name_H-M   'P 21 21 21'
#
loop_
_entity.id
_entity.type
_entity.pdbx_description
1 polymer 'CAMP-DEPENDENT PROTEIN KINASE'
2 non-polymer 'ADENOSINE MONOPHOSPHATE'
3 water water
#
_entity_poly.entity_id   1
_entity_poly.type   'polypeptide(L)'
_entity_poly.pdbx_seq_one_letter_code
;GNAAAAKKG(SEP)EQESVKEFLAKAKEDFLKKWETPSQNTAQLDQFDRIKTLGTGSFGRVMLVKHKESGNHYAMKILDK
QKVVKLKQIEHTLNEKRILQAVNFPFLVKLEFSFKDNSNLYMVMEYVAGGEMFSHLRRIGRFSEPHARFYAAQIVLTFEY
LHSLDLIYRDLKPENLLIDQQGYIQVTDFGFAKRVKGRTW(TPO)LCGTPEYLAPEIILSKGYNKAVDWWALGVLIYEMA
AGYPPFFADQPIQIYEKIVSGKVRFPSHFSSDLKDLLRNLLQVDLTKRFGNLKNGVNDIKNHKWFATTDWIAIYQRKVEA
PFIPKFKGPGDTSNFDDYEEEEIRV(SEP)INEKCGKEFTEF
;
_entity_poly.pdbx_strand_id   A
#
loop_
_chem_comp.id
_chem_comp.type
_chem_comp.name
_chem_comp.formula
AMP non-polymer 'ADENOSINE MONOPHOSPHATE' 'C10 H14 N5 O7 P'
#
# COMPACT_ATOMS: atom_id res chain seq x y z
N GLN A 12 -16.95 18.87 3.96
CA GLN A 12 -17.63 18.44 2.75
C GLN A 12 -17.89 19.57 1.79
N GLU A 13 -17.16 20.65 1.96
CA GLU A 13 -17.15 21.70 1.00
C GLU A 13 -15.93 21.51 0.08
N SER A 14 -14.79 21.93 0.54
CA SER A 14 -13.62 21.73 -0.25
C SER A 14 -13.33 20.24 -0.54
N VAL A 15 -13.57 19.37 0.49
CA VAL A 15 -13.35 17.87 0.37
C VAL A 15 -14.46 17.10 -0.47
N LYS A 16 -14.78 17.68 -1.68
CA LYS A 16 -15.78 17.09 -2.64
C LYS A 16 -15.55 17.63 -4.07
N GLU A 17 -14.92 18.81 -4.13
CA GLU A 17 -14.54 19.50 -5.35
C GLU A 17 -13.32 18.79 -5.92
N PHE A 18 -12.52 18.36 -5.00
CA PHE A 18 -11.34 17.62 -5.20
C PHE A 18 -11.67 16.29 -5.86
N LEU A 19 -12.18 15.43 -5.02
CA LEU A 19 -12.54 14.08 -5.33
C LEU A 19 -13.05 13.91 -6.73
N ALA A 20 -13.78 14.91 -7.16
CA ALA A 20 -14.37 14.95 -8.48
C ALA A 20 -13.39 15.53 -9.47
N LYS A 21 -12.70 16.56 -9.02
CA LYS A 21 -11.68 17.17 -9.80
C LYS A 21 -10.56 16.12 -9.99
N ALA A 22 -10.34 15.39 -8.90
CA ALA A 22 -9.37 14.34 -8.79
C ALA A 22 -9.81 13.02 -9.49
N LYS A 23 -11.12 12.80 -9.58
CA LYS A 23 -11.61 11.61 -10.25
C LYS A 23 -11.41 11.71 -11.74
N GLU A 24 -11.41 12.93 -12.23
CA GLU A 24 -11.25 13.18 -13.63
C GLU A 24 -9.79 13.09 -14.07
N ASP A 25 -8.98 14.00 -13.55
CA ASP A 25 -7.56 13.99 -13.84
C ASP A 25 -7.13 12.55 -14.06
N PHE A 26 -7.46 11.74 -13.07
CA PHE A 26 -7.14 10.36 -13.08
C PHE A 26 -7.71 9.67 -14.30
N LEU A 27 -9.04 9.69 -14.42
CA LEU A 27 -9.70 9.05 -15.55
C LEU A 27 -8.88 9.10 -16.81
N LYS A 28 -8.58 10.32 -17.27
CA LYS A 28 -7.73 10.49 -18.39
C LYS A 28 -6.58 9.53 -18.29
N LYS A 29 -5.55 9.91 -17.51
CA LYS A 29 -4.40 9.02 -17.37
C LYS A 29 -4.85 7.58 -17.43
N TRP A 30 -5.77 7.21 -16.55
CA TRP A 30 -6.27 5.87 -16.58
C TRP A 30 -6.43 5.45 -17.95
N GLU A 31 -7.22 6.20 -18.67
CA GLU A 31 -7.55 5.94 -20.01
C GLU A 31 -6.56 6.47 -21.08
N THR A 32 -5.25 6.19 -20.82
CA THR A 32 -4.09 6.54 -21.69
C THR A 32 -2.79 6.59 -20.91
N PRO A 33 -2.08 5.43 -20.89
CA PRO A 33 -0.82 5.28 -20.12
C PRO A 33 0.46 5.30 -20.96
N SER A 34 1.28 6.33 -20.79
CA SER A 34 2.51 6.29 -21.46
C SER A 34 3.13 4.95 -21.14
N GLN A 35 3.85 4.37 -22.07
CA GLN A 35 4.53 3.12 -21.79
C GLN A 35 6.02 3.31 -21.84
N ASN A 36 6.73 2.48 -22.53
CA ASN A 36 8.18 2.73 -22.62
C ASN A 36 8.55 4.19 -22.30
N THR A 37 9.39 4.36 -21.26
CA THR A 37 9.86 5.69 -20.85
C THR A 37 11.36 5.67 -20.48
N ALA A 38 12.02 4.53 -20.68
CA ALA A 38 13.45 4.46 -20.41
C ALA A 38 14.08 3.13 -20.71
N GLN A 39 15.34 3.11 -20.62
CA GLN A 39 15.98 1.91 -20.84
C GLN A 39 16.84 1.60 -19.66
N LEU A 40 16.96 0.28 -19.36
CA LEU A 40 17.73 -0.22 -18.24
C LEU A 40 19.09 0.48 -18.06
N ASP A 41 19.80 0.67 -19.17
CA ASP A 41 21.16 1.27 -19.20
C ASP A 41 21.24 2.70 -18.67
N GLN A 42 20.11 3.38 -18.62
CA GLN A 42 20.10 4.72 -18.14
C GLN A 42 20.35 4.73 -16.70
N PHE A 43 20.40 3.51 -16.14
CA PHE A 43 20.59 3.28 -14.74
C PHE A 43 21.71 2.36 -14.40
N ASP A 44 22.26 2.60 -13.20
CA ASP A 44 23.27 1.80 -12.59
C ASP A 44 22.69 1.06 -11.45
N ARG A 45 22.63 -0.23 -11.55
CA ARG A 45 22.10 -1.03 -10.44
C ARG A 45 22.99 -0.98 -9.18
N ILE A 46 22.41 -0.53 -8.09
CA ILE A 46 23.08 -0.40 -6.83
C ILE A 46 22.86 -1.57 -5.86
N LYS A 47 21.60 -1.79 -5.47
CA LYS A 47 21.36 -2.81 -4.46
C LYS A 47 19.91 -3.26 -4.40
N THR A 48 19.71 -4.54 -3.93
CA THR A 48 18.37 -5.10 -3.76
C THR A 48 17.66 -4.65 -2.47
N LEU A 49 16.48 -4.05 -2.64
CA LEU A 49 15.66 -3.48 -1.55
C LEU A 49 14.61 -4.43 -0.94
N GLY A 50 13.74 -4.93 -1.75
CA GLY A 50 12.68 -5.79 -1.23
C GLY A 50 12.44 -6.90 -2.15
N THR A 51 11.50 -7.76 -1.82
CA THR A 51 11.27 -8.86 -2.72
C THR A 51 9.87 -9.04 -3.29
N GLY A 52 9.75 -10.17 -3.99
CA GLY A 52 8.56 -10.61 -4.68
C GLY A 52 8.78 -11.96 -5.38
N SER A 53 7.72 -12.76 -5.38
CA SER A 53 7.72 -14.05 -6.02
C SER A 53 7.64 -13.86 -7.53
N PHE A 54 7.51 -12.59 -7.93
CA PHE A 54 7.41 -12.25 -9.31
C PHE A 54 8.26 -11.06 -9.69
N GLY A 55 9.43 -10.95 -9.05
CA GLY A 55 10.33 -9.87 -9.36
C GLY A 55 11.34 -9.61 -8.25
N ARG A 56 11.67 -8.31 -8.08
CA ARG A 56 12.65 -7.80 -7.12
C ARG A 56 12.63 -6.27 -7.11
N VAL A 57 12.73 -5.68 -5.94
CA VAL A 57 12.82 -4.25 -5.92
C VAL A 57 14.13 -3.81 -5.45
N MET A 58 14.84 -3.17 -6.32
CA MET A 58 16.15 -2.76 -5.98
C MET A 58 16.47 -1.36 -6.33
N LEU A 59 17.56 -0.95 -5.70
CA LEU A 59 18.08 0.39 -5.75
C LEU A 59 18.91 0.66 -7.05
N VAL A 60 18.58 1.76 -7.77
CA VAL A 60 19.29 2.09 -9.00
C VAL A 60 19.62 3.55 -9.08
N LYS A 61 20.77 3.87 -9.65
CA LYS A 61 21.18 5.27 -9.76
C LYS A 61 21.05 5.75 -11.19
N HIS A 62 20.28 6.80 -11.38
CA HIS A 62 20.12 7.33 -12.70
C HIS A 62 21.39 8.08 -13.11
N LYS A 63 21.97 7.62 -14.22
CA LYS A 63 23.20 8.14 -14.76
C LYS A 63 23.23 9.67 -14.78
N GLU A 64 22.40 10.31 -15.67
CA GLU A 64 22.36 11.78 -15.75
C GLU A 64 22.16 12.36 -14.40
N SER A 65 20.92 12.68 -14.15
CA SER A 65 20.54 13.17 -12.89
C SER A 65 20.82 12.11 -11.84
N GLY A 66 21.82 12.38 -11.04
CA GLY A 66 22.21 11.48 -9.98
C GLY A 66 21.07 11.24 -9.01
N ASN A 67 19.99 10.72 -9.53
CA ASN A 67 18.83 10.45 -8.78
C ASN A 67 18.58 9.03 -8.68
N HIS A 68 18.60 8.54 -7.48
CA HIS A 68 18.22 7.22 -7.25
C HIS A 68 16.74 7.18 -7.35
N TYR A 69 16.28 6.04 -7.79
CA TYR A 69 14.88 5.70 -7.90
C TYR A 69 14.79 4.35 -7.27
N ALA A 70 13.72 3.62 -7.49
CA ALA A 70 13.60 2.22 -7.00
C ALA A 70 12.82 1.44 -8.00
N MET A 71 13.46 0.41 -8.43
CA MET A 71 13.03 -0.30 -9.58
C MET A 71 12.48 -1.64 -9.18
N LYS A 72 11.20 -1.74 -9.36
CA LYS A 72 10.56 -3.02 -9.37
C LYS A 72 10.76 -3.69 -10.73
N ILE A 73 11.15 -4.96 -10.70
CA ILE A 73 11.37 -5.70 -11.95
C ILE A 73 10.84 -7.09 -11.90
N LEU A 74 9.71 -7.26 -12.56
CA LEU A 74 9.03 -8.54 -12.64
C LEU A 74 9.46 -9.32 -13.92
N ASP A 75 9.77 -10.59 -13.77
CA ASP A 75 10.12 -11.39 -14.90
C ASP A 75 8.90 -11.90 -15.60
N LYS A 76 8.86 -11.60 -16.90
CA LYS A 76 7.78 -12.01 -17.74
C LYS A 76 7.41 -13.50 -17.57
N GLN A 77 8.34 -14.32 -17.33
CA GLN A 77 7.95 -15.72 -17.23
C GLN A 77 7.43 -16.22 -15.89
N LYS A 78 7.65 -15.48 -14.84
CA LYS A 78 7.17 -15.92 -13.56
C LYS A 78 5.76 -15.41 -13.29
N VAL A 79 5.37 -14.37 -14.02
CA VAL A 79 4.06 -13.76 -13.86
C VAL A 79 2.97 -14.48 -14.63
N VAL A 80 3.38 -15.36 -15.51
CA VAL A 80 2.44 -16.08 -16.27
C VAL A 80 2.02 -17.36 -15.59
N LYS A 81 3.00 -18.10 -15.09
CA LYS A 81 2.71 -19.31 -14.36
C LYS A 81 1.60 -19.06 -13.29
N LEU A 82 1.54 -17.78 -12.85
CA LEU A 82 0.55 -17.33 -11.86
C LEU A 82 -0.45 -16.36 -12.48
N LYS A 83 -0.51 -16.38 -13.84
CA LYS A 83 -1.39 -15.51 -14.64
C LYS A 83 -1.45 -14.06 -14.14
N GLN A 84 -0.59 -13.72 -13.13
CA GLN A 84 -0.50 -12.39 -12.49
C GLN A 84 -0.50 -11.21 -13.48
N ILE A 85 -0.72 -11.51 -14.76
CA ILE A 85 -0.78 -10.55 -15.84
C ILE A 85 -1.87 -9.60 -15.64
N GLU A 86 -3.06 -10.15 -15.60
CA GLU A 86 -4.23 -9.39 -15.45
C GLU A 86 -3.93 -8.31 -14.46
N HIS A 87 -3.24 -8.71 -13.40
CA HIS A 87 -2.83 -7.84 -12.36
C HIS A 87 -1.75 -6.90 -12.79
N THR A 88 -0.53 -7.44 -12.93
CA THR A 88 0.70 -6.71 -13.33
C THR A 88 0.47 -5.53 -14.29
N LEU A 89 -0.67 -5.49 -14.89
CA LEU A 89 -0.96 -4.52 -15.85
C LEU A 89 -1.68 -3.32 -15.29
N ASN A 90 -2.52 -3.56 -14.29
CA ASN A 90 -3.23 -2.45 -13.64
C ASN A 90 -2.39 -1.75 -12.63
N GLU A 91 -1.43 -2.50 -11.99
CA GLU A 91 -0.54 -1.82 -11.06
C GLU A 91 0.17 -0.69 -11.80
N LYS A 92 0.54 -0.97 -13.07
CA LYS A 92 1.12 0.06 -13.90
C LYS A 92 0.05 1.12 -14.19
N ARG A 93 -1.07 0.67 -14.75
CA ARG A 93 -2.12 1.57 -15.14
C ARG A 93 -2.59 2.47 -14.01
N ILE A 94 -2.52 1.96 -12.79
CA ILE A 94 -2.94 2.69 -11.61
C ILE A 94 -1.91 3.73 -11.17
N LEU A 95 -0.71 3.26 -10.81
CA LEU A 95 0.39 4.15 -10.40
C LEU A 95 0.56 5.23 -11.36
N GLN A 96 0.33 4.85 -12.65
CA GLN A 96 0.49 5.73 -13.80
C GLN A 96 -0.60 6.84 -13.81
N ALA A 97 -1.77 6.55 -13.17
CA ALA A 97 -2.89 7.50 -13.12
C ALA A 97 -3.15 8.02 -11.71
N VAL A 98 -2.96 7.13 -10.73
CA VAL A 98 -3.14 7.52 -9.35
C VAL A 98 -2.32 8.78 -9.08
N ASN A 99 -2.74 9.61 -8.13
CA ASN A 99 -2.01 10.85 -7.83
C ASN A 99 -2.41 11.48 -6.47
N PHE A 100 -1.43 11.49 -5.57
CA PHE A 100 -1.66 11.81 -4.22
C PHE A 100 -0.34 11.77 -3.41
N PRO A 101 -0.27 12.59 -2.42
CA PRO A 101 0.88 12.74 -1.60
C PRO A 101 1.37 11.46 -0.98
N PHE A 102 0.48 10.78 -0.36
CA PHE A 102 0.85 9.63 0.37
C PHE A 102 1.04 8.37 -0.47
N LEU A 103 0.91 8.57 -1.80
CA LEU A 103 1.14 7.50 -2.77
C LEU A 103 2.51 7.58 -3.33
N VAL A 104 3.14 6.43 -3.48
CA VAL A 104 4.46 6.34 -4.04
C VAL A 104 4.44 6.73 -5.51
N LYS A 105 5.35 7.66 -5.90
CA LYS A 105 5.45 8.15 -7.33
C LYS A 105 6.12 7.14 -8.31
N LEU A 106 5.47 6.92 -9.45
CA LEU A 106 6.01 6.13 -10.51
C LEU A 106 6.66 7.04 -11.49
N GLU A 107 7.88 6.80 -11.81
CA GLU A 107 8.60 7.67 -12.68
C GLU A 107 8.74 7.21 -14.14
N PHE A 108 8.97 5.89 -14.30
CA PHE A 108 9.18 5.30 -15.59
C PHE A 108 8.70 3.85 -15.69
N SER A 109 8.39 3.44 -16.89
CA SER A 109 8.07 2.05 -17.14
C SER A 109 8.48 1.63 -18.52
N PHE A 110 9.28 0.61 -18.57
CA PHE A 110 9.76 0.04 -19.80
C PHE A 110 9.83 -1.42 -19.65
N LYS A 111 9.94 -2.10 -20.74
CA LYS A 111 10.08 -3.53 -20.67
C LYS A 111 11.14 -3.91 -21.56
N ASP A 112 11.78 -4.98 -21.24
CA ASP A 112 12.79 -5.50 -22.08
C ASP A 112 12.65 -6.95 -22.17
N ASN A 113 12.77 -7.45 -23.41
CA ASN A 113 12.64 -8.85 -23.73
C ASN A 113 12.03 -9.74 -22.71
N SER A 114 12.74 -9.84 -21.59
CA SER A 114 12.46 -10.77 -20.53
C SER A 114 11.57 -10.43 -19.35
N ASN A 115 11.80 -9.28 -18.75
CA ASN A 115 11.08 -8.88 -17.60
C ASN A 115 10.70 -7.45 -17.65
N LEU A 116 9.70 -7.06 -16.79
CA LEU A 116 9.07 -5.71 -16.75
C LEU A 116 9.61 -4.82 -15.68
N TYR A 117 9.55 -3.52 -15.91
CA TYR A 117 10.04 -2.58 -14.90
C TYR A 117 9.13 -1.37 -14.63
N MET A 118 8.89 -1.18 -13.33
CA MET A 118 8.28 -0.03 -12.75
C MET A 118 9.35 0.63 -11.85
N VAL A 119 9.52 1.94 -12.01
CA VAL A 119 10.58 2.70 -11.34
C VAL A 119 10.00 3.86 -10.56
N MET A 120 9.81 3.62 -9.23
CA MET A 120 9.23 4.61 -8.30
C MET A 120 10.24 5.57 -7.74
N GLU A 121 9.75 6.46 -6.92
CA GLU A 121 10.57 7.33 -6.15
C GLU A 121 11.07 6.53 -4.96
N TYR A 122 12.24 6.90 -4.46
CA TYR A 122 12.87 6.10 -3.43
C TYR A 122 12.66 6.55 -2.05
N VAL A 123 11.80 5.85 -1.37
CA VAL A 123 11.51 6.17 0.00
C VAL A 123 12.50 5.52 0.89
N ALA A 124 13.49 6.33 1.30
CA ALA A 124 14.65 5.84 2.14
C ALA A 124 14.33 5.32 3.50
N GLY A 125 13.59 6.12 4.28
CA GLY A 125 13.29 5.85 5.67
C GLY A 125 13.08 4.36 5.98
N GLY A 126 12.72 3.62 5.03
CA GLY A 126 12.55 2.25 5.32
C GLY A 126 11.14 1.94 5.59
N GLU A 127 10.80 0.69 5.39
CA GLU A 127 9.47 0.15 5.54
C GLU A 127 8.95 0.21 7.01
N MET A 128 7.66 0.43 7.19
CA MET A 128 7.13 0.59 8.51
C MET A 128 7.27 -0.59 9.39
N PHE A 129 6.85 -1.71 8.87
CA PHE A 129 6.89 -3.00 9.56
C PHE A 129 8.08 -3.13 10.47
N SER A 130 9.18 -2.53 10.07
CA SER A 130 10.40 -2.65 10.81
C SER A 130 10.52 -1.71 11.99
N HIS A 131 10.35 -0.43 11.77
CA HIS A 131 10.43 0.49 12.87
C HIS A 131 9.52 0.00 13.96
N LEU A 132 8.37 -0.33 13.56
CA LEU A 132 7.41 -0.90 14.44
C LEU A 132 8.02 -2.03 15.27
N ARG A 133 8.68 -2.99 14.63
CA ARG A 133 9.23 -4.14 15.38
C ARG A 133 10.42 -3.77 16.22
N ARG A 134 11.14 -2.79 15.73
CA ARG A 134 12.26 -2.32 16.45
C ARG A 134 11.80 -1.61 17.72
N ILE A 135 11.05 -0.52 17.50
CA ILE A 135 10.50 0.30 18.55
C ILE A 135 9.66 -0.47 19.61
N GLY A 136 8.80 -1.45 19.14
CA GLY A 136 7.93 -2.34 20.04
C GLY A 136 6.44 -2.23 19.74
N ARG A 137 5.98 -0.97 19.73
CA ARG A 137 4.60 -0.60 19.43
C ARG A 137 4.53 0.90 19.31
N PHE A 138 3.44 1.43 18.89
CA PHE A 138 3.38 2.83 18.74
C PHE A 138 2.53 3.47 19.77
N SER A 139 2.88 4.70 20.05
CA SER A 139 2.15 5.49 20.97
C SER A 139 0.92 6.02 20.25
N GLU A 140 -0.27 5.75 20.87
CA GLU A 140 -1.57 6.10 20.29
C GLU A 140 -1.59 7.27 19.30
N PRO A 141 -0.79 8.33 19.58
CA PRO A 141 -0.66 9.47 18.69
C PRO A 141 0.05 9.10 17.47
N HIS A 142 1.27 8.57 17.68
CA HIS A 142 2.10 8.06 16.61
C HIS A 142 1.20 7.25 15.60
N ALA A 143 0.70 6.07 16.03
CA ALA A 143 -0.26 5.33 15.25
C ALA A 143 -1.28 6.25 14.56
N ARG A 144 -1.87 7.18 15.31
CA ARG A 144 -2.85 8.15 14.76
C ARG A 144 -2.26 8.87 13.61
N PHE A 145 -1.10 9.51 13.84
CA PHE A 145 -0.40 10.23 12.73
C PHE A 145 -0.51 9.47 11.41
N TYR A 146 -0.18 8.12 11.44
CA TYR A 146 -0.24 7.20 10.24
C TYR A 146 -1.64 6.99 9.75
N ALA A 147 -2.44 6.37 10.59
CA ALA A 147 -3.86 6.17 10.29
C ALA A 147 -4.47 7.38 9.57
N ALA A 148 -4.28 8.56 10.12
CA ALA A 148 -4.79 9.75 9.49
C ALA A 148 -4.37 9.81 8.05
N GLN A 149 -3.24 9.11 7.72
CA GLN A 149 -2.71 9.12 6.38
C GLN A 149 -3.35 8.03 5.47
N ILE A 150 -3.68 6.89 6.07
CA ILE A 150 -4.40 5.86 5.34
C ILE A 150 -5.81 6.32 4.99
N VAL A 151 -6.51 6.85 6.02
CA VAL A 151 -7.87 7.33 5.91
C VAL A 151 -7.97 8.31 4.75
N LEU A 152 -7.22 9.38 4.82
CA LEU A 152 -7.18 10.26 3.68
C LEU A 152 -6.89 9.43 2.34
N THR A 153 -5.89 8.51 2.41
CA THR A 153 -5.52 7.72 1.25
C THR A 153 -6.67 6.89 0.69
N PHE A 154 -7.27 6.07 1.53
CA PHE A 154 -8.41 5.25 1.11
C PHE A 154 -9.64 6.11 0.74
N GLU A 155 -9.72 7.30 1.32
CA GLU A 155 -10.77 8.21 0.97
C GLU A 155 -10.60 8.51 -0.47
N TYR A 156 -9.39 9.02 -0.77
CA TYR A 156 -8.96 9.33 -2.11
C TYR A 156 -9.19 8.17 -3.08
N LEU A 157 -8.53 7.03 -2.83
CA LEU A 157 -8.67 5.86 -3.68
C LEU A 157 -10.10 5.53 -3.89
N HIS A 158 -10.68 4.89 -2.84
CA HIS A 158 -12.07 4.39 -2.81
C HIS A 158 -13.01 5.20 -3.71
N SER A 159 -12.75 6.51 -3.78
CA SER A 159 -13.53 7.46 -4.61
C SER A 159 -13.38 7.24 -6.10
N LEU A 160 -12.37 6.38 -6.49
CA LEU A 160 -12.01 6.09 -7.89
C LEU A 160 -12.28 4.71 -8.24
N ASP A 161 -13.11 4.11 -7.48
CA ASP A 161 -13.48 2.78 -7.75
C ASP A 161 -12.28 1.88 -7.74
N LEU A 162 -11.41 2.12 -6.77
CA LEU A 162 -10.25 1.31 -6.56
C LEU A 162 -10.14 0.71 -5.20
N ILE A 163 -10.52 -0.56 -5.02
CA ILE A 163 -10.22 -1.26 -3.77
C ILE A 163 -8.71 -1.31 -3.73
N TYR A 164 -8.07 -1.41 -2.54
CA TYR A 164 -6.58 -1.48 -2.45
C TYR A 164 -6.06 -2.92 -2.29
N ARG A 165 -6.79 -3.69 -1.50
CA ARG A 165 -6.64 -5.15 -1.30
C ARG A 165 -5.41 -5.71 -0.58
N ASP A 166 -4.48 -4.91 -0.33
CA ASP A 166 -3.30 -5.40 0.28
C ASP A 166 -2.60 -4.40 1.23
N LEU A 167 -3.27 -4.09 2.39
CA LEU A 167 -2.68 -3.16 3.38
C LEU A 167 -1.85 -3.84 4.48
N LYS A 168 -0.65 -3.35 4.67
CA LYS A 168 0.18 -3.92 5.68
C LYS A 168 1.47 -3.10 5.93
N PRO A 169 2.18 -3.42 6.98
CA PRO A 169 3.30 -2.59 7.41
C PRO A 169 4.45 -2.62 6.49
N GLU A 170 4.55 -3.71 5.76
CA GLU A 170 5.60 -3.85 4.76
C GLU A 170 5.36 -2.94 3.51
N ASN A 171 4.12 -2.47 3.35
CA ASN A 171 3.79 -1.59 2.25
C ASN A 171 3.76 -0.21 2.66
N LEU A 172 3.99 0.02 3.91
CA LEU A 172 3.95 1.36 4.36
C LEU A 172 5.31 1.87 4.57
N LEU A 173 5.81 2.54 3.60
CA LEU A 173 7.17 3.08 3.68
C LEU A 173 7.19 4.38 4.38
N ILE A 174 8.37 4.74 4.95
CA ILE A 174 8.54 6.03 5.68
C ILE A 174 9.54 6.95 5.03
N ASP A 175 9.09 8.15 4.73
CA ASP A 175 9.94 9.16 4.12
C ASP A 175 10.75 10.06 5.15
N GLN A 176 11.62 10.91 4.61
CA GLN A 176 12.52 11.75 5.42
C GLN A 176 11.78 12.65 6.36
N GLN A 177 10.46 12.59 6.26
CA GLN A 177 9.64 13.41 7.08
C GLN A 177 8.51 12.62 7.69
N GLY A 178 8.84 11.36 8.07
CA GLY A 178 7.97 10.45 8.79
C GLY A 178 6.60 10.25 8.20
N TYR A 179 6.28 10.95 7.12
CA TYR A 179 4.98 10.75 6.49
C TYR A 179 4.98 9.48 5.69
N ILE A 180 3.87 9.06 5.13
CA ILE A 180 3.94 7.79 4.48
C ILE A 180 3.55 7.70 3.04
N GLN A 181 4.17 6.72 2.41
CA GLN A 181 3.91 6.37 1.08
C GLN A 181 3.75 4.93 1.01
N VAL A 182 2.62 4.54 0.44
CA VAL A 182 2.23 3.16 0.24
C VAL A 182 2.64 2.69 -1.10
N THR A 183 3.24 1.54 -1.12
CA THR A 183 3.67 0.98 -2.33
C THR A 183 2.96 -0.32 -2.63
N ASP A 184 3.32 -0.89 -3.77
CA ASP A 184 2.83 -2.15 -4.21
C ASP A 184 1.33 -2.24 -4.46
N PHE A 185 0.90 -1.67 -5.54
CA PHE A 185 -0.47 -1.76 -5.95
C PHE A 185 -0.73 -3.05 -6.70
N GLY A 186 0.08 -3.99 -6.50
CA GLY A 186 -0.02 -5.23 -7.22
C GLY A 186 -1.31 -5.99 -7.05
N PHE A 187 -2.08 -5.69 -6.01
CA PHE A 187 -3.34 -6.43 -5.79
C PHE A 187 -4.56 -5.56 -6.12
N ALA A 188 -4.31 -4.26 -6.22
CA ALA A 188 -5.35 -3.29 -6.50
C ALA A 188 -6.32 -3.78 -7.59
N LYS A 189 -7.37 -2.97 -7.86
CA LYS A 189 -8.38 -3.32 -8.84
C LYS A 189 -9.46 -2.31 -8.93
N ARG A 190 -9.51 -1.57 -10.00
CA ARG A 190 -10.60 -0.66 -10.16
C ARG A 190 -11.88 -1.44 -10.24
N VAL A 191 -12.82 -1.19 -9.37
CA VAL A 191 -14.06 -1.88 -9.48
C VAL A 191 -15.21 -1.07 -9.16
N LYS A 192 -16.31 -1.74 -9.33
CA LYS A 192 -17.61 -1.25 -9.01
C LYS A 192 -18.45 -2.37 -8.43
N GLY A 193 -18.56 -2.38 -7.09
CA GLY A 193 -19.30 -3.39 -6.39
C GLY A 193 -18.48 -4.53 -5.87
N ARG A 194 -19.00 -5.74 -6.07
CA ARG A 194 -18.37 -6.95 -5.65
C ARG A 194 -17.32 -7.45 -6.57
N THR A 195 -16.29 -8.06 -5.97
CA THR A 195 -15.21 -8.78 -6.65
C THR A 195 -15.02 -10.03 -5.81
N TRP A 196 -14.37 -11.06 -6.31
CA TRP A 196 -14.28 -12.31 -5.49
C TRP A 196 -12.89 -12.92 -5.28
N TPO A 197 -11.84 -12.20 -5.61
CA TPO A 197 -10.45 -12.73 -5.51
CB TPO A 197 -9.52 -11.90 -6.38
CG2 TPO A 197 -8.09 -12.42 -6.37
OG1 TPO A 197 -10.03 -11.78 -7.69
P TPO A 197 -10.00 -10.35 -8.32
O1P TPO A 197 -8.60 -9.93 -8.49
O2P TPO A 197 -10.73 -10.38 -9.60
O3P TPO A 197 -10.65 -9.43 -7.40
C TPO A 197 -9.86 -12.85 -4.07
O TPO A 197 -9.71 -11.87 -3.35
N LEU A 198 -9.39 -14.02 -3.71
CA LEU A 198 -8.75 -14.16 -2.42
C LEU A 198 -7.36 -13.73 -2.47
N CYS A 199 -7.12 -12.44 -2.24
CA CYS A 199 -5.72 -11.98 -2.19
C CYS A 199 -5.35 -11.24 -0.91
N GLY A 200 -4.06 -11.34 -0.54
CA GLY A 200 -3.53 -10.66 0.67
C GLY A 200 -3.08 -11.64 1.78
N THR A 201 -2.32 -11.10 2.78
CA THR A 201 -1.82 -11.87 3.96
C THR A 201 -2.97 -12.34 4.84
N PRO A 202 -2.93 -13.53 5.21
CA PRO A 202 -3.99 -14.09 6.04
C PRO A 202 -4.35 -13.22 7.26
N GLU A 203 -3.39 -12.44 7.75
CA GLU A 203 -3.57 -11.61 8.97
C GLU A 203 -4.53 -10.40 8.83
N TYR A 204 -4.53 -9.79 7.64
CA TYR A 204 -5.38 -8.61 7.32
C TYR A 204 -6.67 -8.96 6.55
N LEU A 205 -6.93 -10.27 6.42
CA LEU A 205 -8.06 -10.75 5.66
C LEU A 205 -9.38 -10.41 6.27
N ALA A 206 -10.07 -9.44 5.68
CA ALA A 206 -11.39 -9.17 6.17
C ALA A 206 -12.13 -10.50 6.13
N PRO A 207 -13.10 -10.72 7.03
CA PRO A 207 -13.78 -12.02 7.04
C PRO A 207 -14.67 -12.30 5.82
N GLU A 208 -14.84 -11.34 4.93
CA GLU A 208 -15.63 -11.59 3.71
C GLU A 208 -14.84 -12.56 2.83
N ILE A 209 -13.75 -12.03 2.33
CA ILE A 209 -12.79 -12.72 1.61
C ILE A 209 -12.70 -14.16 2.10
N ILE A 210 -12.61 -14.34 3.42
CA ILE A 210 -12.44 -15.69 3.95
C ILE A 210 -13.51 -16.64 3.61
N LEU A 211 -14.71 -16.18 3.52
CA LEU A 211 -15.75 -17.08 3.10
C LEU A 211 -15.85 -17.06 1.59
N SER A 212 -15.40 -15.96 1.05
CA SER A 212 -15.46 -15.72 -0.37
C SER A 212 -16.85 -15.47 -0.83
N LYS A 213 -17.34 -14.31 -0.43
CA LYS A 213 -18.64 -13.86 -0.84
C LYS A 213 -18.60 -12.43 -1.33
N GLY A 214 -17.84 -12.24 -2.40
CA GLY A 214 -17.69 -10.96 -3.07
C GLY A 214 -17.64 -9.80 -2.12
N TYR A 215 -16.45 -9.40 -1.83
CA TYR A 215 -16.24 -8.32 -0.94
C TYR A 215 -16.28 -6.97 -1.63
N ASN A 216 -15.79 -5.96 -0.92
CA ASN A 216 -15.75 -4.63 -1.45
C ASN A 216 -14.94 -3.75 -0.59
N LYS A 217 -14.78 -2.51 -1.02
CA LYS A 217 -13.96 -1.54 -0.31
C LYS A 217 -13.96 -1.79 1.20
N ALA A 218 -15.10 -2.21 1.73
CA ALA A 218 -15.26 -2.53 3.14
C ALA A 218 -14.17 -3.41 3.69
N VAL A 219 -13.68 -4.34 2.88
CA VAL A 219 -12.61 -5.19 3.31
C VAL A 219 -11.41 -4.33 3.67
N ASP A 220 -11.30 -3.18 2.96
CA ASP A 220 -10.22 -2.21 3.18
C ASP A 220 -10.25 -1.64 4.61
N TRP A 221 -11.29 -0.85 4.92
CA TRP A 221 -11.48 -0.27 6.25
C TRP A 221 -11.23 -1.33 7.35
N TRP A 222 -11.71 -2.55 7.11
CA TRP A 222 -11.42 -3.61 8.03
C TRP A 222 -9.92 -3.72 8.29
N ALA A 223 -9.10 -3.67 7.22
CA ALA A 223 -7.65 -3.78 7.34
C ALA A 223 -7.05 -2.59 8.03
N LEU A 224 -7.75 -1.48 7.97
CA LEU A 224 -7.32 -0.30 8.68
C LEU A 224 -7.29 -0.58 10.22
N GLY A 225 -8.21 -1.41 10.70
CA GLY A 225 -8.29 -1.72 12.10
C GLY A 225 -7.20 -2.59 12.53
N VAL A 226 -6.96 -3.61 11.71
CA VAL A 226 -5.87 -4.53 11.94
C VAL A 226 -4.58 -3.75 11.93
N LEU A 227 -4.54 -2.80 11.04
CA LEU A 227 -3.40 -1.92 10.93
C LEU A 227 -3.13 -1.22 12.21
N ILE A 228 -4.13 -0.52 12.66
CA ILE A 228 -4.06 0.23 13.87
C ILE A 228 -3.83 -0.63 15.09
N TYR A 229 -4.66 -1.62 15.27
CA TYR A 229 -4.47 -2.43 16.43
C TYR A 229 -3.01 -2.76 16.59
N GLU A 230 -2.48 -3.35 15.58
CA GLU A 230 -1.14 -3.75 15.60
C GLU A 230 -0.20 -2.58 15.78
N MET A 231 -0.44 -1.45 15.07
CA MET A 231 0.45 -0.30 15.23
C MET A 231 0.59 0.02 16.67
N ALA A 232 -0.53 -0.14 17.38
CA ALA A 232 -0.64 0.26 18.76
C ALA A 232 -0.36 -0.80 19.80
N ALA A 233 -0.11 -2.03 19.37
CA ALA A 233 0.11 -3.16 20.30
C ALA A 233 1.37 -3.99 19.98
N GLY A 234 1.90 -3.79 18.77
CA GLY A 234 2.87 -4.64 18.22
C GLY A 234 2.01 -5.74 17.60
N TYR A 235 1.86 -6.79 18.27
CA TYR A 235 0.98 -7.84 17.78
C TYR A 235 -0.28 -7.35 17.13
N PRO A 236 -0.85 -8.20 16.29
CA PRO A 236 -2.07 -7.92 15.58
C PRO A 236 -3.21 -8.70 16.21
N PRO A 237 -4.49 -8.25 15.96
CA PRO A 237 -5.67 -8.84 16.51
C PRO A 237 -5.75 -10.31 16.33
N PHE A 238 -5.75 -10.74 15.07
CA PHE A 238 -5.83 -12.12 14.75
C PHE A 238 -4.56 -12.64 14.31
N PHE A 239 -4.12 -13.70 14.95
CA PHE A 239 -2.88 -14.29 14.62
C PHE A 239 -2.63 -15.60 15.38
N ALA A 240 -2.26 -16.62 14.58
CA ALA A 240 -1.92 -17.95 15.00
C ALA A 240 -0.67 -18.40 14.21
N ASP A 241 -0.36 -19.68 14.24
CA ASP A 241 0.83 -20.23 13.59
C ASP A 241 0.62 -20.51 12.13
N GLN A 242 -0.33 -21.32 11.90
CA GLN A 242 -0.64 -21.68 10.57
C GLN A 242 -1.99 -21.12 10.14
N PRO A 243 -1.99 -20.59 8.93
CA PRO A 243 -3.13 -19.91 8.30
C PRO A 243 -4.53 -20.42 8.61
N ILE A 244 -4.82 -21.66 8.35
CA ILE A 244 -6.16 -22.08 8.64
C ILE A 244 -6.64 -21.62 10.00
N GLN A 245 -5.77 -21.76 11.00
CA GLN A 245 -6.14 -21.39 12.34
C GLN A 245 -6.61 -19.93 12.39
N ILE A 246 -5.67 -19.01 12.07
CA ILE A 246 -5.93 -17.53 11.97
C ILE A 246 -7.25 -17.27 11.29
N TYR A 247 -7.64 -18.23 10.43
CA TYR A 247 -8.86 -18.14 9.65
C TYR A 247 -10.14 -18.21 10.53
N GLU A 248 -10.39 -19.35 11.18
CA GLU A 248 -11.56 -19.43 12.06
C GLU A 248 -11.60 -18.27 13.11
N LYS A 249 -10.45 -17.90 13.59
CA LYS A 249 -10.28 -16.82 14.55
C LYS A 249 -11.01 -15.58 14.10
N ILE A 250 -10.65 -15.13 12.90
CA ILE A 250 -11.16 -13.93 12.26
C ILE A 250 -12.68 -13.88 12.17
N VAL A 251 -13.29 -14.97 11.74
CA VAL A 251 -14.74 -15.01 11.55
C VAL A 251 -15.50 -14.97 12.83
N SER A 252 -14.95 -15.62 13.86
CA SER A 252 -15.59 -15.59 15.17
C SER A 252 -15.66 -14.18 15.59
N GLY A 253 -14.51 -13.48 15.35
CA GLY A 253 -14.36 -12.03 15.58
C GLY A 253 -14.12 -11.62 17.04
N LYS A 254 -13.82 -12.56 17.91
CA LYS A 254 -13.58 -12.16 19.27
C LYS A 254 -12.24 -11.48 19.37
N VAL A 255 -12.28 -10.14 19.55
CA VAL A 255 -11.06 -9.36 19.73
C VAL A 255 -10.85 -9.00 21.20
N ARG A 256 -9.60 -9.15 21.65
CA ARG A 256 -9.16 -8.80 23.00
C ARG A 256 -8.35 -7.51 22.97
N PHE A 257 -8.74 -6.54 23.78
CA PHE A 257 -7.93 -5.34 23.83
C PHE A 257 -6.90 -5.34 24.93
N PRO A 258 -5.73 -4.92 24.59
CA PRO A 258 -4.79 -4.81 25.60
C PRO A 258 -5.27 -3.73 26.59
N SER A 259 -4.88 -3.92 27.85
CA SER A 259 -5.22 -3.01 28.93
C SER A 259 -4.91 -1.52 28.63
N HIS A 260 -3.74 -1.28 27.97
CA HIS A 260 -3.31 0.10 27.69
C HIS A 260 -4.07 0.84 26.55
N PHE A 261 -5.06 0.21 25.98
CA PHE A 261 -5.75 0.89 24.94
C PHE A 261 -6.54 2.00 25.44
N SER A 262 -6.39 3.11 24.84
CA SER A 262 -7.24 4.17 25.19
C SER A 262 -8.67 3.65 25.06
N SER A 263 -9.66 4.43 25.53
CA SER A 263 -11.05 4.00 25.42
C SER A 263 -11.61 4.27 24.06
N ASP A 264 -11.18 5.36 23.48
CA ASP A 264 -11.64 5.71 22.16
C ASP A 264 -10.93 4.86 21.09
N LEU A 265 -9.79 4.26 21.49
CA LEU A 265 -9.08 3.32 20.65
C LEU A 265 -9.93 2.13 20.50
N LYS A 266 -10.28 1.57 21.63
CA LYS A 266 -11.12 0.42 21.67
C LYS A 266 -12.46 0.68 21.04
N ASP A 267 -12.80 1.97 20.83
CA ASP A 267 -14.09 2.29 20.20
C ASP A 267 -14.02 2.17 18.70
N LEU A 268 -13.11 2.93 18.15
CA LEU A 268 -12.83 2.89 16.76
C LEU A 268 -12.82 1.44 16.35
N LEU A 269 -11.82 0.75 16.86
CA LEU A 269 -11.59 -0.64 16.57
C LEU A 269 -12.78 -1.42 16.31
N ARG A 270 -13.38 -1.89 17.34
CA ARG A 270 -14.58 -2.74 17.20
C ARG A 270 -15.67 -2.20 16.24
N ASN A 271 -15.47 -1.00 15.71
CA ASN A 271 -16.35 -0.48 14.70
C ASN A 271 -15.87 -0.91 13.32
N LEU A 272 -14.52 -0.81 13.14
CA LEU A 272 -13.85 -1.29 11.94
C LEU A 272 -13.89 -2.82 11.92
N LEU A 273 -13.20 -3.46 12.95
CA LEU A 273 -13.15 -4.93 13.11
C LEU A 273 -14.53 -5.53 13.29
N GLN A 274 -15.44 -5.06 12.45
CA GLN A 274 -16.80 -5.45 12.44
C GLN A 274 -17.06 -6.48 11.38
N VAL A 275 -17.30 -7.72 11.85
CA VAL A 275 -17.56 -8.90 10.99
C VAL A 275 -18.81 -8.74 10.12
N ASP A 276 -19.42 -7.55 10.21
CA ASP A 276 -20.59 -7.21 9.39
C ASP A 276 -20.36 -5.95 8.63
N LEU A 277 -20.35 -6.10 7.32
CA LEU A 277 -20.12 -5.01 6.49
C LEU A 277 -21.22 -4.01 6.59
N THR A 278 -22.37 -4.51 6.76
CA THR A 278 -23.49 -3.67 6.91
C THR A 278 -23.61 -3.11 8.31
N LYS A 279 -22.46 -2.67 8.82
CA LYS A 279 -22.33 -2.07 10.14
C LYS A 279 -20.86 -1.96 10.51
N ARG A 280 -20.13 -1.34 9.63
CA ARG A 280 -18.74 -1.20 9.77
C ARG A 280 -18.32 0.12 9.25
N PHE A 281 -17.75 0.95 10.08
CA PHE A 281 -17.36 2.25 9.54
C PHE A 281 -16.71 2.02 8.28
N GLY A 282 -16.93 2.95 7.38
CA GLY A 282 -16.41 2.88 6.01
C GLY A 282 -17.49 2.38 5.03
N ASN A 283 -18.39 1.55 5.56
CA ASN A 283 -19.47 0.93 4.82
C ASN A 283 -20.83 1.56 5.09
N LEU A 284 -20.87 2.32 6.16
CA LEU A 284 -22.06 2.94 6.60
C LEU A 284 -22.44 4.10 5.73
N LYS A 285 -23.70 4.47 5.83
CA LYS A 285 -24.26 5.52 5.03
C LYS A 285 -23.56 6.88 5.11
N ASN A 286 -22.97 7.16 6.26
CA ASN A 286 -22.22 8.42 6.50
C ASN A 286 -20.80 8.31 5.88
N GLY A 287 -20.48 7.10 5.39
CA GLY A 287 -19.21 6.81 4.75
C GLY A 287 -18.03 6.99 5.69
N VAL A 288 -17.01 7.67 5.18
CA VAL A 288 -15.77 7.92 5.89
C VAL A 288 -15.95 8.86 7.02
N ASN A 289 -17.01 9.60 6.95
CA ASN A 289 -17.22 10.56 7.96
C ASN A 289 -17.51 9.91 9.29
N ASP A 290 -17.92 8.66 9.25
CA ASP A 290 -18.07 7.90 10.46
C ASP A 290 -16.69 7.77 11.20
N ILE A 291 -15.68 7.43 10.43
CA ILE A 291 -14.29 7.25 10.92
C ILE A 291 -13.68 8.58 11.13
N LYS A 292 -13.63 9.30 10.02
CA LYS A 292 -13.10 10.65 9.98
C LYS A 292 -13.54 11.48 11.19
N ASN A 293 -14.68 11.08 11.80
CA ASN A 293 -15.30 11.79 12.95
C ASN A 293 -15.14 11.03 14.26
N HIS A 294 -14.73 9.82 14.20
CA HIS A 294 -14.62 9.11 15.41
C HIS A 294 -13.69 9.80 16.43
N LYS A 295 -14.14 9.86 17.69
CA LYS A 295 -13.44 10.56 18.74
C LYS A 295 -12.00 10.45 18.61
N TRP A 296 -11.54 9.25 18.53
CA TRP A 296 -10.13 9.05 18.44
C TRP A 296 -9.39 10.13 17.60
N PHE A 297 -10.06 10.62 16.59
CA PHE A 297 -9.51 11.60 15.68
C PHE A 297 -9.83 13.01 16.10
N ALA A 298 -10.11 13.12 17.36
CA ALA A 298 -10.46 14.36 17.92
C ALA A 298 -9.45 15.43 17.58
N THR A 299 -8.28 15.27 18.09
CA THR A 299 -7.21 16.21 17.91
C THR A 299 -6.81 16.40 16.44
N THR A 300 -6.72 15.31 15.69
CA THR A 300 -6.19 15.37 14.34
C THR A 300 -6.82 16.40 13.47
N ASP A 301 -5.95 17.27 12.87
CA ASP A 301 -6.38 18.23 11.83
C ASP A 301 -6.13 17.61 10.50
N TRP A 302 -7.22 17.16 9.87
CA TRP A 302 -7.25 16.47 8.60
C TRP A 302 -6.54 17.18 7.39
N ILE A 303 -6.23 18.49 7.52
CA ILE A 303 -5.52 19.22 6.44
C ILE A 303 -4.03 19.29 6.63
N ALA A 304 -3.58 19.76 7.80
CA ALA A 304 -2.17 19.80 8.04
C ALA A 304 -1.53 18.46 7.60
N ILE A 305 -2.06 17.33 8.16
CA ILE A 305 -1.62 16.00 7.77
C ILE A 305 -1.51 15.99 6.28
N TYR A 306 -2.68 16.05 5.66
CA TYR A 306 -2.79 16.13 4.27
C TYR A 306 -1.74 17.10 3.70
N GLN A 307 -1.87 18.34 4.06
CA GLN A 307 -0.94 19.37 3.65
C GLN A 307 0.45 19.08 4.12
N ARG A 308 0.62 17.93 4.80
CA ARG A 308 1.90 17.56 5.38
C ARG A 308 2.54 18.74 6.05
N LYS A 309 1.74 19.37 6.90
CA LYS A 309 2.16 20.51 7.66
C LYS A 309 2.43 20.13 9.07
N VAL A 310 1.98 18.96 9.42
CA VAL A 310 2.16 18.49 10.75
C VAL A 310 3.55 17.94 11.00
N GLU A 311 4.02 18.14 12.21
CA GLU A 311 5.28 17.65 12.62
C GLU A 311 5.18 16.21 13.01
N ALA A 312 6.08 15.45 12.42
CA ALA A 312 6.15 14.02 12.60
C ALA A 312 6.71 13.53 13.96
N PRO A 313 6.05 12.54 14.43
CA PRO A 313 6.39 11.82 15.63
C PRO A 313 7.72 11.06 15.50
N PHE A 314 7.98 10.57 14.29
CA PHE A 314 9.13 9.70 14.02
C PHE A 314 9.97 10.13 12.86
N ILE A 315 11.14 9.65 12.86
CA ILE A 315 12.02 9.97 11.81
C ILE A 315 13.11 8.92 11.65
N PRO A 316 13.83 8.99 10.55
CA PRO A 316 14.90 8.07 10.34
C PRO A 316 16.11 8.82 9.91
N LYS A 317 17.24 8.26 10.18
CA LYS A 317 18.42 8.96 9.87
C LYS A 317 19.03 8.50 8.60
N PHE A 318 19.09 9.41 7.69
CA PHE A 318 19.64 9.13 6.42
C PHE A 318 21.02 9.72 6.36
N LYS A 319 22.02 8.82 6.32
CA LYS A 319 23.39 9.23 6.26
C LYS A 319 23.66 10.10 5.02
N GLY A 320 22.95 9.78 3.94
CA GLY A 320 23.07 10.53 2.71
C GLY A 320 22.05 10.06 1.64
N PRO A 321 22.17 10.68 0.44
CA PRO A 321 21.34 10.33 -0.73
C PRO A 321 21.48 8.85 -1.10
N GLY A 322 20.36 8.13 -1.06
CA GLY A 322 20.39 6.74 -1.37
C GLY A 322 21.11 5.94 -0.29
N ASP A 323 20.61 6.08 0.96
CA ASP A 323 21.11 5.35 2.08
C ASP A 323 20.17 4.18 2.36
N THR A 324 20.69 2.96 2.17
CA THR A 324 19.92 1.73 2.32
C THR A 324 20.10 1.03 3.65
N SER A 325 20.39 1.82 4.69
CA SER A 325 20.59 1.29 6.06
C SER A 325 19.31 0.77 6.64
N ASN A 326 18.27 1.58 6.43
CA ASN A 326 16.94 1.31 6.88
C ASN A 326 16.36 0.07 6.21
N PHE A 327 17.18 -0.57 5.40
CA PHE A 327 16.75 -1.71 4.70
C PHE A 327 17.52 -2.94 5.03
N ASP A 328 16.98 -4.04 4.60
CA ASP A 328 17.49 -5.34 4.77
C ASP A 328 18.58 -5.70 3.82
N ASP A 329 19.17 -6.86 4.04
CA ASP A 329 20.27 -7.37 3.24
C ASP A 329 19.88 -8.61 2.54
N TYR A 330 19.63 -8.54 1.26
CA TYR A 330 19.31 -9.74 0.57
C TYR A 330 20.38 -10.13 -0.32
N GLU A 331 20.29 -11.37 -0.82
CA GLU A 331 21.27 -11.92 -1.74
C GLU A 331 21.15 -11.29 -3.08
N GLU A 332 22.30 -10.98 -3.72
CA GLU A 332 22.27 -10.33 -5.05
C GLU A 332 22.22 -11.28 -6.24
N GLU A 333 21.56 -10.82 -7.27
CA GLU A 333 21.37 -11.52 -8.50
C GLU A 333 21.58 -10.57 -9.66
N GLU A 334 21.51 -11.13 -10.85
CA GLU A 334 21.65 -10.38 -12.04
C GLU A 334 20.36 -10.00 -12.67
N ILE A 335 20.48 -9.05 -13.57
CA ILE A 335 19.40 -8.55 -14.32
C ILE A 335 19.43 -9.09 -15.76
N ARG A 336 19.24 -10.44 -15.88
CA ARG A 336 19.21 -11.21 -17.15
C ARG A 336 18.33 -10.58 -18.34
N VAL A 337 18.74 -10.81 -19.61
CA VAL A 337 17.98 -10.29 -20.76
C VAL A 337 18.20 -11.15 -22.02
N SEP A 338 17.84 -12.42 -21.92
CA SEP A 338 17.87 -13.32 -23.08
CB SEP A 338 16.59 -14.15 -23.14
OG SEP A 338 16.81 -15.32 -23.94
C SEP A 338 17.82 -12.49 -24.37
O SEP A 338 17.33 -11.36 -24.37
P SEP A 338 17.48 -16.43 -23.04
O1P SEP A 338 17.43 -17.71 -23.76
O2P SEP A 338 18.90 -16.04 -22.77
O3P SEP A 338 16.75 -16.53 -21.76
N ILE A 339 18.12 -13.17 -25.44
CA ILE A 339 18.60 -12.55 -26.69
C ILE A 339 17.41 -12.32 -27.68
N ASN A 340 16.31 -13.03 -27.36
CA ASN A 340 15.06 -12.94 -28.10
C ASN A 340 13.87 -12.53 -27.19
N GLU A 341 12.98 -11.72 -27.74
CA GLU A 341 11.83 -11.26 -27.01
C GLU A 341 11.04 -12.35 -26.45
N LYS A 342 11.35 -12.72 -25.26
CA LYS A 342 10.60 -13.71 -24.56
C LYS A 342 9.24 -13.07 -24.09
N CYS A 343 8.13 -13.86 -24.24
CA CYS A 343 6.72 -13.50 -23.81
C CYS A 343 6.16 -12.12 -24.20
N GLY A 344 6.59 -11.54 -25.33
CA GLY A 344 6.08 -10.20 -25.76
C GLY A 344 4.59 -10.19 -26.27
N LYS A 345 3.88 -11.28 -26.03
CA LYS A 345 2.51 -11.36 -26.48
C LYS A 345 1.55 -10.73 -25.52
N GLU A 346 1.44 -11.36 -24.37
CA GLU A 346 0.55 -10.98 -23.34
C GLU A 346 0.82 -9.58 -22.75
N PHE A 347 1.95 -9.00 -23.06
CA PHE A 347 2.30 -7.71 -22.48
C PHE A 347 2.40 -6.60 -23.46
N THR A 348 1.50 -6.54 -24.42
CA THR A 348 1.57 -5.45 -25.39
C THR A 348 1.20 -4.13 -24.77
N GLU A 349 0.36 -4.21 -23.70
CA GLU A 349 -0.13 -3.02 -22.98
C GLU A 349 0.95 -2.36 -22.15
N PHE A 350 1.81 -3.19 -21.59
CA PHE A 350 2.82 -2.69 -20.74
C PHE A 350 3.58 -1.47 -21.31
O5' AMP B . 7.09 -4.56 -1.45
C5' AMP B . 8.19 -3.89 -2.06
C4' AMP B . 9.36 -3.77 -1.12
O4' AMP B . 10.35 -3.03 -1.78
C3' AMP B . 9.07 -3.01 0.21
O3' AMP B . 8.80 -3.84 1.38
C2' AMP B . 10.33 -2.26 0.44
O2' AMP B . 11.30 -3.04 1.17
C1' AMP B . 10.80 -1.99 -0.98
N9 AMP B . 10.30 -0.83 -1.56
C8 AMP B . 9.20 -0.87 -2.42
N7 AMP B . 8.96 0.33 -3.02
C5 AMP B . 10.03 1.15 -2.56
C6 AMP B . 10.39 2.50 -2.81
N6 AMP B . 9.68 3.32 -3.59
N1 AMP B . 11.49 2.99 -2.17
C2 AMP B . 12.24 2.16 -1.38
N3 AMP B . 12.00 0.86 -1.07
C4 AMP B . 10.87 0.42 -1.69
#